data_6JEA
#
_entry.id   6JEA
#
_cell.length_a   68.555
_cell.length_b   83.309
_cell.length_c   91.350
_cell.angle_alpha   90.000
_cell.angle_beta   90.000
_cell.angle_gamma   90.000
#
_symmetry.space_group_name_H-M   'P 21 21 21'
#
loop_
_entity.id
_entity.type
_entity.pdbx_description
1 polymer Beta-N-acetylhexosaminidase
2 non-polymer 2-acetamido-2-deoxy-beta-D-glucopyranose
3 non-polymer 'ZINC ION'
4 water water
#
_entity_poly.entity_id   1
_entity_poly.type   'polypeptide(L)'
_entity_poly.pdbx_seq_one_letter_code
;TAQYSIIPEPSRTELRQETAKTLQLLSDQEVPTLETDAYRLTVTPQGAHLASGGREGRIYGLATLRQLRDQLAGQPEGIP
CGVITDKPRYPWRGLMVDPARHFIPAADLKKFVDMMAYYKFNRLHLHLTDNQGWRLPVPGYPKLKSVASRREESFGDGIP
HEGMYTKQELKELVAYCAARGIDVIPEIDMPGHNQALHAAYPEFFCFPKPDMNVRTTAGNSKELVCPQKPEVWKFYASVF
NELKDIFPSGIVHLGGDEAPTELWEKCPLCREARTRAAMKDEQEQMKAFFAKTAALLAKNGQTPQFWYEGNAGIYHPGET
VYAWRQGQALQSIEKTKKAGLNLIMASSEYCYLDFPQIQGQRNWGWMKTTTLQKCYDLDPAFGKPEKEAGHIRGVHAPVW
AERLPDLNHLLYRAYPRACAIAEAGWSPMGVRSWENFRRKLADHRQFILKRFNYDMERTQGNEPAFRWE
;
_entity_poly.pdbx_strand_id   A
#
# COMPACT_ATOMS: atom_id res chain seq x y z
N THR A 1 11.48 -30.86 13.28
CA THR A 1 12.91 -30.84 13.60
C THR A 1 13.48 -29.44 13.30
N ALA A 2 14.80 -29.35 13.19
CA ALA A 2 15.49 -28.06 13.09
C ALA A 2 15.31 -27.47 11.69
N GLN A 3 14.82 -26.23 11.65
CA GLN A 3 14.58 -25.54 10.39
C GLN A 3 14.64 -24.04 10.65
N TYR A 4 14.47 -23.26 9.58
CA TYR A 4 14.46 -21.81 9.67
C TYR A 4 13.04 -21.30 9.89
N SER A 5 12.94 -20.11 10.47
CA SER A 5 11.66 -19.43 10.63
C SER A 5 11.66 -18.12 9.85
N ILE A 6 11.89 -18.21 8.54
CA ILE A 6 12.01 -17.03 7.69
C ILE A 6 10.65 -16.73 7.08
N ILE A 7 10.18 -15.50 7.27
CA ILE A 7 8.96 -15.01 6.65
C ILE A 7 9.35 -13.80 5.78
N PRO A 8 9.04 -13.80 4.48
CA PRO A 8 8.33 -14.86 3.76
C PRO A 8 9.17 -16.10 3.50
N GLU A 9 8.51 -17.23 3.26
CA GLU A 9 9.20 -18.49 3.04
C GLU A 9 10.07 -18.41 1.79
N PRO A 10 11.35 -18.75 1.86
CA PRO A 10 12.21 -18.67 0.68
C PRO A 10 11.76 -19.65 -0.40
N SER A 11 12.11 -19.32 -1.65
CA SER A 11 11.71 -20.17 -2.76
C SER A 11 12.42 -21.52 -2.74
N ARG A 12 13.67 -21.57 -2.26
CA ARG A 12 14.35 -22.85 -2.08
C ARG A 12 15.23 -22.81 -0.85
N THR A 13 15.02 -23.79 0.03
CA THR A 13 15.87 -24.00 1.20
C THR A 13 16.40 -25.43 1.17
N GLU A 14 17.71 -25.57 1.36
CA GLU A 14 18.38 -26.87 1.44
C GLU A 14 19.13 -26.91 2.76
N LEU A 15 18.57 -27.60 3.75
CA LEU A 15 19.21 -27.69 5.06
C LEU A 15 20.34 -28.70 5.05
N ARG A 16 21.35 -28.44 5.88
CA ARG A 16 22.50 -29.31 6.03
C ARG A 16 22.59 -29.79 7.47
N GLN A 17 23.34 -30.87 7.67
CA GLN A 17 23.26 -31.66 8.90
C GLN A 17 24.26 -31.25 9.97
N GLU A 18 24.55 -29.95 10.11
CA GLU A 18 25.33 -29.47 11.23
C GLU A 18 24.80 -28.11 11.67
N THR A 19 25.33 -27.64 12.79
CA THR A 19 24.79 -26.47 13.48
C THR A 19 25.79 -25.31 13.41
N ALA A 20 25.26 -24.11 13.22
CA ALA A 20 26.05 -22.89 13.19
C ALA A 20 25.68 -22.04 14.39
N LYS A 21 26.69 -21.60 15.14
CA LYS A 21 26.49 -20.71 16.28
C LYS A 21 26.91 -19.28 15.97
N THR A 22 27.37 -19.00 14.75
CA THR A 22 27.72 -17.66 14.33
C THR A 22 27.14 -17.40 12.95
N LEU A 23 26.71 -16.16 12.73
CA LEU A 23 26.24 -15.71 11.42
C LEU A 23 27.05 -14.53 10.90
N GLN A 24 28.30 -14.40 11.36
CA GLN A 24 29.20 -13.36 10.86
C GLN A 24 29.32 -13.46 9.34
N LEU A 25 29.14 -12.33 8.67
CA LEU A 25 29.18 -12.28 7.21
C LEU A 25 30.62 -12.41 6.73
N LEU A 26 30.96 -13.57 6.16
CA LEU A 26 32.31 -13.85 5.69
C LEU A 26 32.53 -13.44 4.24
N SER A 27 31.47 -13.44 3.43
CA SER A 27 31.59 -13.04 2.03
C SER A 27 30.30 -12.35 1.61
N ASP A 28 30.42 -11.49 0.60
CA ASP A 28 29.30 -10.66 0.15
C ASP A 28 29.63 -10.24 -1.29
N GLN A 29 29.13 -11.01 -2.25
CA GLN A 29 29.48 -10.84 -3.65
C GLN A 29 28.25 -10.57 -4.49
N GLU A 30 28.44 -9.74 -5.52
CA GLU A 30 27.45 -9.57 -6.58
C GLU A 30 27.84 -10.48 -7.74
N VAL A 31 26.94 -11.38 -8.13
CA VAL A 31 27.23 -12.37 -9.15
C VAL A 31 26.23 -12.25 -10.29
N PRO A 32 26.66 -12.40 -11.55
CA PRO A 32 25.70 -12.35 -12.67
C PRO A 32 24.89 -13.63 -12.83
N THR A 33 25.20 -14.68 -12.07
CA THR A 33 24.48 -15.94 -12.13
C THR A 33 23.20 -15.92 -11.30
N LEU A 34 22.86 -14.79 -10.69
CA LEU A 34 21.60 -14.60 -10.02
C LEU A 34 20.88 -13.40 -10.63
N GLU A 35 19.55 -13.46 -10.65
CA GLU A 35 18.76 -12.32 -11.08
C GLU A 35 18.98 -11.15 -10.11
N THR A 36 18.71 -9.94 -10.60
CA THR A 36 19.00 -8.75 -9.80
C THR A 36 18.18 -8.71 -8.52
N ASP A 37 17.07 -9.45 -8.44
CA ASP A 37 16.22 -9.49 -7.26
C ASP A 37 16.36 -10.79 -6.48
N ALA A 38 17.36 -11.61 -6.79
CA ALA A 38 17.54 -12.91 -6.17
C ALA A 38 18.82 -12.93 -5.34
N TYR A 39 18.88 -13.87 -4.40
CA TYR A 39 20.07 -14.01 -3.58
C TYR A 39 20.27 -15.47 -3.21
N ARG A 40 21.48 -15.76 -2.73
CA ARG A 40 21.85 -17.05 -2.18
CA ARG A 40 21.85 -17.05 -2.18
C ARG A 40 22.60 -16.82 -0.88
N LEU A 41 22.06 -17.35 0.22
CA LEU A 41 22.67 -17.22 1.54
C LEU A 41 23.06 -18.61 2.03
N THR A 42 24.34 -18.80 2.31
CA THR A 42 24.88 -20.07 2.78
C THR A 42 25.27 -19.93 4.24
N VAL A 43 24.68 -20.75 5.09
CA VAL A 43 24.97 -20.80 6.52
C VAL A 43 25.91 -21.97 6.76
N THR A 44 27.07 -21.70 7.33
CA THR A 44 28.11 -22.68 7.63
C THR A 44 28.54 -22.47 9.08
N PRO A 45 29.17 -23.48 9.68
CA PRO A 45 29.64 -23.31 11.07
C PRO A 45 30.56 -22.12 11.28
N GLN A 46 31.22 -21.63 10.22
CA GLN A 46 32.08 -20.47 10.33
C GLN A 46 31.36 -19.15 10.09
N GLY A 47 30.18 -19.16 9.48
CA GLY A 47 29.46 -17.92 9.24
C GLY A 47 28.63 -18.01 7.98
N ALA A 48 28.24 -16.84 7.50
CA ALA A 48 27.31 -16.72 6.39
C ALA A 48 28.02 -16.20 5.14
N HIS A 49 27.63 -16.73 3.99
CA HIS A 49 28.12 -16.30 2.68
C HIS A 49 26.93 -15.80 1.87
N LEU A 50 26.98 -14.53 1.47
CA LEU A 50 25.89 -13.92 0.72
C LEU A 50 26.34 -13.66 -0.71
N ALA A 51 25.55 -14.12 -1.67
CA ALA A 51 25.67 -13.75 -3.07
C ALA A 51 24.36 -13.16 -3.53
N SER A 52 24.42 -12.16 -4.40
CA SER A 52 23.20 -11.55 -4.90
C SER A 52 23.43 -11.12 -6.34
N GLY A 53 22.34 -11.12 -7.12
CA GLY A 53 22.43 -10.66 -8.49
C GLY A 53 22.42 -9.16 -8.65
N GLY A 54 22.10 -8.42 -7.59
CA GLY A 54 22.02 -6.98 -7.69
C GLY A 54 21.70 -6.38 -6.34
N ARG A 55 21.50 -5.06 -6.35
CA ARG A 55 21.27 -4.33 -5.11
C ARG A 55 19.98 -4.77 -4.44
N GLU A 56 18.92 -4.98 -5.23
CA GLU A 56 17.63 -5.41 -4.68
C GLU A 56 17.74 -6.77 -4.02
N GLY A 57 18.32 -7.74 -4.73
CA GLY A 57 18.52 -9.06 -4.14
C GLY A 57 19.41 -9.02 -2.91
N ARG A 58 20.39 -8.12 -2.89
CA ARG A 58 21.24 -7.99 -1.71
C ARG A 58 20.46 -7.46 -0.52
N ILE A 59 19.57 -6.49 -0.75
CA ILE A 59 18.72 -5.99 0.33
C ILE A 59 17.84 -7.11 0.88
N TYR A 60 17.26 -7.91 -0.03
CA TYR A 60 16.45 -9.05 0.42
C TYR A 60 17.29 -10.04 1.21
N GLY A 61 18.51 -10.31 0.75
CA GLY A 61 19.37 -11.24 1.45
C GLY A 61 19.75 -10.76 2.84
N LEU A 62 19.96 -9.45 2.97
CA LEU A 62 20.25 -8.90 4.29
C LEU A 62 19.03 -8.97 5.20
N ALA A 63 17.83 -8.84 4.64
CA ALA A 63 16.63 -9.06 5.45
C ALA A 63 16.55 -10.49 5.96
N THR A 64 16.80 -11.46 5.07
CA THR A 64 16.81 -12.86 5.50
C THR A 64 17.89 -13.10 6.55
N LEU A 65 19.06 -12.48 6.38
CA LEU A 65 20.14 -12.64 7.35
C LEU A 65 19.74 -12.05 8.70
N ARG A 66 18.99 -10.94 8.69
CA ARG A 66 18.51 -10.37 9.94
C ARG A 66 17.55 -11.33 10.65
N GLN A 67 16.63 -11.94 9.89
CA GLN A 67 15.72 -12.90 10.51
C GLN A 67 16.48 -14.11 11.06
N LEU A 68 17.54 -14.54 10.35
CA LEU A 68 18.36 -15.65 10.85
C LEU A 68 19.10 -15.25 12.13
N ARG A 69 19.61 -14.02 12.20
CA ARG A 69 20.28 -13.56 13.41
CA ARG A 69 20.29 -13.58 13.41
C ARG A 69 19.31 -13.46 14.58
N ASP A 70 18.08 -13.03 14.30
CA ASP A 70 17.07 -12.99 15.37
C ASP A 70 16.72 -14.39 15.85
N GLN A 71 16.66 -15.36 14.94
CA GLN A 71 16.46 -16.73 15.38
C GLN A 71 17.63 -17.25 16.21
N LEU A 72 18.86 -16.96 15.76
CA LEU A 72 20.04 -17.43 16.49
C LEU A 72 20.13 -16.81 17.87
N ALA A 73 19.69 -15.56 18.02
CA ALA A 73 19.67 -14.93 19.34
C ALA A 73 18.79 -15.67 20.33
N GLY A 74 17.80 -16.42 19.85
CA GLY A 74 16.92 -17.21 20.70
C GLY A 74 17.24 -18.68 20.76
N GLN A 75 18.26 -19.15 20.03
CA GLN A 75 18.68 -20.55 20.05
C GLN A 75 20.17 -20.57 20.32
N PRO A 76 20.59 -20.53 21.58
CA PRO A 76 22.03 -20.56 21.89
C PRO A 76 22.73 -21.82 21.41
N GLU A 77 21.99 -22.91 21.20
CA GLU A 77 22.58 -24.12 20.64
C GLU A 77 22.91 -23.98 19.16
N GLY A 78 22.32 -23.00 18.48
CA GLY A 78 22.63 -22.71 17.10
C GLY A 78 21.49 -23.06 16.15
N ILE A 79 21.64 -22.62 14.92
CA ILE A 79 20.63 -22.82 13.87
C ILE A 79 21.21 -23.75 12.80
N PRO A 80 20.38 -24.42 12.00
CA PRO A 80 20.92 -25.33 10.99
C PRO A 80 21.72 -24.61 9.92
N CYS A 81 22.74 -25.28 9.43
CA CYS A 81 23.46 -24.84 8.25
C CYS A 81 22.63 -25.15 7.00
N GLY A 82 23.02 -24.55 5.88
CA GLY A 82 22.33 -24.85 4.65
C GLY A 82 22.51 -23.77 3.60
N VAL A 83 21.69 -23.86 2.55
CA VAL A 83 21.74 -22.96 1.41
C VAL A 83 20.32 -22.47 1.11
N ILE A 84 20.15 -21.16 1.06
CA ILE A 84 18.88 -20.53 0.74
C ILE A 84 19.04 -19.83 -0.60
N THR A 85 18.30 -20.28 -1.60
CA THR A 85 18.26 -19.63 -2.90
C THR A 85 16.87 -19.05 -3.07
N ASP A 86 16.80 -17.73 -3.24
CA ASP A 86 15.53 -17.04 -3.04
C ASP A 86 15.33 -15.94 -4.08
N LYS A 87 14.09 -15.82 -4.54
CA LYS A 87 13.65 -14.72 -5.39
C LYS A 87 12.13 -14.63 -5.31
N PRO A 88 11.56 -13.44 -5.50
CA PRO A 88 10.13 -13.27 -5.25
C PRO A 88 9.23 -13.81 -6.36
N ARG A 89 8.06 -14.28 -5.96
CA ARG A 89 7.07 -14.73 -6.92
C ARG A 89 6.47 -13.56 -7.69
N TYR A 90 6.21 -12.45 -7.01
CA TYR A 90 5.67 -11.27 -7.65
C TYR A 90 6.58 -10.06 -7.42
N PRO A 91 6.70 -9.17 -8.41
CA PRO A 91 7.58 -7.99 -8.24
C PRO A 91 6.93 -6.84 -7.50
N TRP A 92 5.62 -6.88 -7.24
CA TRP A 92 4.93 -5.82 -6.51
C TRP A 92 4.38 -6.41 -5.21
N ARG A 93 4.93 -5.98 -4.08
CA ARG A 93 4.47 -6.40 -2.76
C ARG A 93 4.35 -5.13 -1.92
N GLY A 94 3.11 -4.71 -1.66
CA GLY A 94 2.86 -3.37 -1.17
C GLY A 94 1.96 -3.32 0.04
N LEU A 95 2.19 -2.30 0.86
CA LEU A 95 1.26 -1.87 1.89
C LEU A 95 0.84 -0.44 1.61
N MET A 96 -0.40 -0.11 1.99
CA MET A 96 -0.92 1.25 1.84
C MET A 96 -1.23 1.82 3.22
N VAL A 97 -0.66 2.99 3.50
CA VAL A 97 -1.03 3.75 4.68
C VAL A 97 -1.94 4.89 4.24
N ASP A 98 -2.74 5.39 5.18
CA ASP A 98 -3.80 6.34 4.91
C ASP A 98 -3.63 7.56 5.82
N PRO A 99 -2.64 8.42 5.52
CA PRO A 99 -2.48 9.65 6.32
C PRO A 99 -3.58 10.66 6.10
N ALA A 100 -4.37 10.53 5.03
CA ALA A 100 -5.51 11.44 4.82
C ALA A 100 -6.52 11.31 5.95
N ARG A 101 -6.85 10.08 6.35
CA ARG A 101 -7.82 9.88 7.41
C ARG A 101 -7.22 10.22 8.77
N HIS A 102 -6.01 9.74 9.05
CA HIS A 102 -5.29 10.11 10.26
C HIS A 102 -3.82 10.31 9.90
N PHE A 103 -3.33 11.52 10.15
CA PHE A 103 -1.95 11.87 9.84
C PHE A 103 -0.98 10.94 10.56
N ILE A 104 0.12 10.62 9.88
CA ILE A 104 1.15 9.76 10.46
C ILE A 104 2.46 10.54 10.53
N PRO A 105 2.96 10.86 11.71
CA PRO A 105 4.23 11.59 11.81
C PRO A 105 5.36 10.82 11.14
N ALA A 106 6.42 11.56 10.77
CA ALA A 106 7.49 11.00 9.97
C ALA A 106 8.20 9.85 10.69
N ALA A 107 8.38 9.97 12.01
CA ALA A 107 9.08 8.92 12.75
C ALA A 107 8.25 7.63 12.79
N ASP A 108 6.93 7.76 12.93
CA ASP A 108 6.07 6.59 12.87
C ASP A 108 6.13 5.95 11.48
N LEU A 109 6.22 6.77 10.43
CA LEU A 109 6.40 6.24 9.10
C LEU A 109 7.71 5.47 8.97
N LYS A 110 8.77 5.97 9.62
CA LYS A 110 10.04 5.25 9.58
C LYS A 110 9.93 3.89 10.26
N LYS A 111 9.26 3.84 11.42
CA LYS A 111 9.07 2.55 12.10
C LYS A 111 8.25 1.59 11.24
N PHE A 112 7.17 2.11 10.62
CA PHE A 112 6.34 1.30 9.73
C PHE A 112 7.15 0.77 8.56
N VAL A 113 8.01 1.61 7.98
CA VAL A 113 8.84 1.21 6.85
C VAL A 113 9.83 0.12 7.27
N ASP A 114 10.47 0.29 8.43
CA ASP A 114 11.40 -0.74 8.90
C ASP A 114 10.69 -2.07 9.06
N MET A 115 9.49 -2.06 9.67
CA MET A 115 8.79 -3.32 9.87
C MET A 115 8.40 -3.97 8.54
N MET A 116 7.91 -3.17 7.58
CA MET A 116 7.50 -3.78 6.32
C MET A 116 8.70 -4.26 5.51
N ALA A 117 9.85 -3.58 5.64
CA ALA A 117 11.05 -4.02 4.95
C ALA A 117 11.58 -5.32 5.55
N TYR A 118 11.39 -5.51 6.85
CA TYR A 118 11.78 -6.77 7.49
C TYR A 118 11.09 -7.97 6.85
N TYR A 119 9.94 -7.76 6.21
CA TYR A 119 9.21 -8.81 5.54
C TYR A 119 9.27 -8.69 4.02
N LYS A 120 10.25 -7.95 3.50
CA LYS A 120 10.56 -7.85 2.08
C LYS A 120 9.44 -7.19 1.27
N PHE A 121 8.56 -6.43 1.89
CA PHE A 121 7.72 -5.52 1.14
C PHE A 121 8.59 -4.53 0.38
N ASN A 122 8.13 -4.11 -0.81
CA ASN A 122 8.88 -3.16 -1.61
C ASN A 122 8.03 -2.04 -2.17
N ARG A 123 6.75 -1.93 -1.78
CA ARG A 123 5.91 -0.85 -2.25
C ARG A 123 5.18 -0.22 -1.06
N LEU A 124 5.30 1.10 -0.93
CA LEU A 124 4.59 1.86 0.11
C LEU A 124 3.69 2.87 -0.57
N HIS A 125 2.39 2.75 -0.33
CA HIS A 125 1.36 3.52 -1.00
C HIS A 125 0.79 4.53 -0.01
N LEU A 126 0.89 5.82 -0.33
CA LEU A 126 0.43 6.89 0.54
C LEU A 126 -0.90 7.42 0.04
N HIS A 127 -1.98 7.13 0.77
CA HIS A 127 -3.29 7.71 0.50
C HIS A 127 -3.30 9.12 1.09
N LEU A 128 -2.87 10.09 0.30
CA LEU A 128 -2.54 11.41 0.83
C LEU A 128 -3.75 12.32 0.99
N THR A 129 -4.81 12.12 0.21
CA THR A 129 -5.94 13.04 0.15
C THR A 129 -7.25 12.26 0.19
N ASP A 130 -8.23 12.83 0.87
CA ASP A 130 -9.59 12.28 0.90
C ASP A 130 -10.50 13.36 1.48
N ASN A 131 -11.74 12.98 1.80
CA ASN A 131 -12.70 13.93 2.34
C ASN A 131 -12.25 14.47 3.70
N GLN A 132 -11.55 13.65 4.48
CA GLN A 132 -11.21 13.98 5.85
C GLN A 132 -9.89 14.72 5.99
N GLY A 133 -9.18 14.96 4.89
CA GLY A 133 -7.92 15.66 4.98
C GLY A 133 -7.08 15.66 3.72
N TRP A 134 -6.14 16.59 3.64
CA TRP A 134 -5.22 16.74 2.52
C TRP A 134 -3.82 16.90 3.09
N ARG A 135 -2.93 15.96 2.76
CA ARG A 135 -1.61 15.89 3.39
C ARG A 135 -0.46 16.29 2.46
N LEU A 136 -0.74 16.60 1.18
CA LEU A 136 0.32 16.91 0.24
C LEU A 136 0.49 18.41 0.12
N PRO A 137 1.66 18.97 0.43
CA PRO A 137 1.87 20.41 0.25
C PRO A 137 2.11 20.73 -1.22
N VAL A 138 1.44 21.78 -1.71
CA VAL A 138 1.60 22.23 -3.09
C VAL A 138 1.92 23.72 -3.08
N PRO A 139 3.08 24.14 -3.60
CA PRO A 139 3.38 25.57 -3.68
C PRO A 139 2.35 26.31 -4.50
N GLY A 140 1.99 27.51 -4.04
CA GLY A 140 0.98 28.32 -4.68
C GLY A 140 -0.43 28.11 -4.16
N TYR A 141 -0.63 27.13 -3.28
CA TYR A 141 -1.96 26.78 -2.76
C TYR A 141 -1.89 26.62 -1.26
N PRO A 142 -1.69 27.72 -0.52
CA PRO A 142 -1.46 27.60 0.93
C PRO A 142 -2.69 27.24 1.75
N LYS A 143 -3.90 27.41 1.19
CA LYS A 143 -5.09 27.05 1.96
C LYS A 143 -5.14 25.55 2.22
N LEU A 144 -4.58 24.75 1.30
CA LEU A 144 -4.43 23.32 1.56
C LEU A 144 -3.81 23.08 2.93
N LYS A 145 -2.85 23.92 3.32
CA LYS A 145 -2.26 23.82 4.64
C LYS A 145 -3.18 24.42 5.70
N SER A 146 -3.73 25.61 5.44
CA SER A 146 -4.45 26.32 6.50
C SER A 146 -5.88 25.82 6.68
N VAL A 147 -6.44 25.14 5.68
CA VAL A 147 -7.83 24.69 5.75
C VAL A 147 -7.91 23.19 5.58
N ALA A 148 -7.41 22.69 4.45
CA ALA A 148 -7.67 21.31 4.04
C ALA A 148 -6.92 20.28 4.87
N SER A 149 -5.89 20.68 5.61
CA SER A 149 -5.15 19.74 6.45
C SER A 149 -5.62 19.75 7.90
N ARG A 150 -6.66 20.51 8.22
CA ARG A 150 -7.18 20.62 9.58
CA ARG A 150 -7.18 20.62 9.58
C ARG A 150 -8.67 20.28 9.58
N ARG A 151 -9.09 19.50 10.56
CA ARG A 151 -10.50 19.19 10.74
C ARG A 151 -10.84 19.33 12.22
N GLU A 152 -12.12 19.62 12.49
CA GLU A 152 -12.52 20.00 13.84
C GLU A 152 -12.60 18.83 14.79
N GLU A 153 -12.89 17.63 14.31
CA GLU A 153 -13.04 16.45 15.16
C GLU A 153 -13.04 15.21 14.27
N SER A 154 -13.34 14.07 14.87
CA SER A 154 -13.45 12.80 14.15
C SER A 154 -14.57 12.00 14.79
N PHE A 155 -15.69 11.85 14.07
CA PHE A 155 -16.84 11.09 14.54
C PHE A 155 -17.38 11.66 15.86
N GLY A 156 -17.39 12.98 15.97
CA GLY A 156 -17.99 13.63 17.12
C GLY A 156 -17.19 13.60 18.39
N ASP A 157 -15.89 13.29 18.33
CA ASP A 157 -15.09 13.22 19.54
C ASP A 157 -14.66 14.58 20.07
N GLY A 158 -14.96 15.66 19.35
CA GLY A 158 -14.60 16.98 19.80
C GLY A 158 -13.11 17.26 19.89
N ILE A 159 -12.28 16.43 19.27
CA ILE A 159 -10.83 16.56 19.33
C ILE A 159 -10.34 16.93 17.93
N PRO A 160 -9.81 18.13 17.72
CA PRO A 160 -9.31 18.49 16.38
C PRO A 160 -8.16 17.60 15.96
N HIS A 161 -8.15 17.25 14.68
CA HIS A 161 -7.05 16.48 14.10
C HIS A 161 -6.53 17.22 12.87
N GLU A 162 -5.21 17.31 12.76
CA GLU A 162 -4.61 18.04 11.66
C GLU A 162 -3.22 17.49 11.38
N GLY A 163 -2.65 17.92 10.25
CA GLY A 163 -1.32 17.50 9.87
C GLY A 163 -1.08 17.55 8.38
N MET A 164 0.13 17.93 7.98
CA MET A 164 0.52 17.96 6.58
C MET A 164 2.02 17.76 6.49
N TYR A 165 2.44 16.89 5.57
CA TYR A 165 3.87 16.66 5.38
C TYR A 165 4.52 17.86 4.70
N THR A 166 5.80 18.05 4.96
CA THR A 166 6.56 19.01 4.18
C THR A 166 7.20 18.31 2.98
N LYS A 167 7.57 19.11 1.98
CA LYS A 167 8.33 18.58 0.86
C LYS A 167 9.60 17.88 1.35
N GLN A 168 10.26 18.48 2.33
CA GLN A 168 11.49 17.90 2.86
C GLN A 168 11.23 16.57 3.55
N GLU A 169 10.15 16.49 4.34
CA GLU A 169 9.79 15.23 4.97
C GLU A 169 9.51 14.15 3.92
N LEU A 170 8.84 14.53 2.82
CA LEU A 170 8.49 13.54 1.81
C LEU A 170 9.73 13.06 1.06
N LYS A 171 10.66 13.96 0.75
CA LYS A 171 11.91 13.52 0.14
C LYS A 171 12.73 12.66 1.10
N GLU A 172 12.70 12.98 2.40
CA GLU A 172 13.35 12.14 3.39
C GLU A 172 12.76 10.74 3.40
N LEU A 173 11.42 10.66 3.39
CA LEU A 173 10.75 9.37 3.34
C LEU A 173 11.13 8.59 2.10
N VAL A 174 11.19 9.27 0.96
CA VAL A 174 11.56 8.61 -0.30
C VAL A 174 12.95 8.01 -0.19
N ALA A 175 13.92 8.79 0.30
CA ALA A 175 15.28 8.30 0.43
C ALA A 175 15.37 7.14 1.42
N TYR A 176 14.66 7.27 2.55
CA TYR A 176 14.61 6.22 3.55
C TYR A 176 14.13 4.90 2.95
N CYS A 177 12.98 4.95 2.26
CA CYS A 177 12.44 3.75 1.64
C CYS A 177 13.38 3.18 0.59
N ALA A 178 13.96 4.05 -0.25
CA ALA A 178 14.89 3.58 -1.27
C ALA A 178 16.07 2.85 -0.64
N ALA A 179 16.64 3.41 0.44
CA ALA A 179 17.72 2.73 1.15
C ALA A 179 17.24 1.39 1.70
N ARG A 180 15.94 1.25 1.96
CA ARG A 180 15.39 -0.02 2.39
C ARG A 180 14.67 -0.78 1.26
N GLY A 181 14.89 -0.39 0.01
CA GLY A 181 14.37 -1.14 -1.12
C GLY A 181 12.90 -0.97 -1.42
N ILE A 182 12.30 0.14 -1.01
CA ILE A 182 10.86 0.35 -1.11
C ILE A 182 10.60 1.58 -1.97
N ASP A 183 9.73 1.43 -2.97
CA ASP A 183 9.29 2.56 -3.79
C ASP A 183 7.99 3.13 -3.23
N VAL A 184 7.87 4.46 -3.27
CA VAL A 184 6.75 5.17 -2.68
C VAL A 184 5.80 5.61 -3.78
N ILE A 185 4.52 5.33 -3.61
CA ILE A 185 3.47 5.60 -4.59
C ILE A 185 2.45 6.56 -3.99
N PRO A 186 2.38 7.80 -4.44
CA PRO A 186 1.37 8.72 -3.92
C PRO A 186 0.02 8.50 -4.58
N GLU A 187 -1.05 8.78 -3.83
CA GLU A 187 -2.40 8.74 -4.35
C GLU A 187 -3.07 10.08 -4.15
N ILE A 188 -3.52 10.68 -5.25
CA ILE A 188 -4.26 11.94 -5.24
C ILE A 188 -5.63 11.64 -5.84
N ASP A 189 -6.64 11.49 -5.00
CA ASP A 189 -7.97 11.13 -5.48
C ASP A 189 -8.58 12.28 -6.27
N MET A 190 -9.23 11.94 -7.38
CA MET A 190 -9.90 12.91 -8.23
C MET A 190 -10.84 12.15 -9.15
N PRO A 191 -11.95 12.77 -9.59
CA PRO A 191 -12.37 14.13 -9.24
C PRO A 191 -13.11 14.22 -7.91
N GLY A 192 -13.37 13.09 -7.28
CA GLY A 192 -14.08 13.02 -6.02
C GLY A 192 -13.16 12.91 -4.82
N HIS A 193 -13.74 12.49 -3.69
CA HIS A 193 -13.02 12.41 -2.42
C HIS A 193 -12.34 13.74 -2.11
N ASN A 194 -13.06 14.83 -2.38
CA ASN A 194 -12.45 16.16 -2.40
C ASN A 194 -13.18 17.14 -1.49
N GLN A 195 -13.79 16.66 -0.40
CA GLN A 195 -14.46 17.58 0.52
C GLN A 195 -13.46 18.51 1.18
N ALA A 196 -12.28 18.00 1.55
CA ALA A 196 -11.24 18.87 2.11
C ALA A 196 -10.77 19.90 1.09
N LEU A 197 -10.57 19.46 -0.16
CA LEU A 197 -10.21 20.40 -1.21
C LEU A 197 -11.29 21.47 -1.38
N HIS A 198 -12.57 21.08 -1.27
CA HIS A 198 -13.65 22.05 -1.41
C HIS A 198 -13.66 23.04 -0.25
N ALA A 199 -13.41 22.55 0.96
CA ALA A 199 -13.26 23.44 2.11
C ALA A 199 -12.14 24.44 1.88
N ALA A 200 -11.07 24.01 1.22
CA ALA A 200 -9.95 24.92 0.97
C ALA A 200 -10.22 25.83 -0.24
N TYR A 201 -10.64 25.25 -1.36
CA TYR A 201 -10.79 25.98 -2.63
C TYR A 201 -12.15 25.71 -3.25
N PRO A 202 -13.21 26.36 -2.76
CA PRO A 202 -14.55 26.08 -3.30
C PRO A 202 -14.72 26.48 -4.75
N GLU A 203 -13.95 27.45 -5.24
CA GLU A 203 -14.07 27.87 -6.63
C GLU A 203 -13.60 26.80 -7.62
N PHE A 204 -12.96 25.73 -7.15
CA PHE A 204 -12.61 24.61 -8.03
C PHE A 204 -13.81 23.75 -8.38
N PHE A 205 -14.97 24.00 -7.80
CA PHE A 205 -16.08 23.06 -7.86
C PHE A 205 -17.27 23.68 -8.59
N CYS A 206 -18.13 22.79 -9.09
CA CYS A 206 -19.29 23.24 -9.86
C CYS A 206 -20.18 24.17 -9.05
N PHE A 207 -20.42 23.84 -7.79
CA PHE A 207 -21.29 24.61 -6.91
C PHE A 207 -20.49 25.01 -5.68
N PRO A 208 -19.72 26.09 -5.78
CA PRO A 208 -18.87 26.51 -4.65
C PRO A 208 -19.70 26.78 -3.41
N LYS A 209 -19.26 26.21 -2.29
CA LYS A 209 -19.92 26.37 -1.00
C LYS A 209 -18.92 26.89 0.01
N PRO A 210 -18.88 28.20 0.26
CA PRO A 210 -17.86 28.75 1.17
C PRO A 210 -17.94 28.21 2.59
N ASP A 211 -19.09 27.71 3.02
CA ASP A 211 -19.27 27.17 4.36
C ASP A 211 -18.88 25.71 4.46
N MET A 212 -18.34 25.12 3.39
CA MET A 212 -17.92 23.73 3.41
C MET A 212 -16.79 23.52 4.40
N ASN A 213 -16.87 22.44 5.17
CA ASN A 213 -15.86 22.09 6.14
C ASN A 213 -15.24 20.74 5.79
N VAL A 214 -13.98 20.55 6.22
CA VAL A 214 -13.35 19.25 6.06
C VAL A 214 -14.19 18.20 6.78
N ARG A 215 -14.37 17.05 6.12
CA ARG A 215 -15.27 16.04 6.63
C ARG A 215 -14.70 15.40 7.89
N THR A 216 -15.57 15.15 8.87
CA THR A 216 -15.18 14.51 10.12
C THR A 216 -15.83 13.15 10.31
N THR A 217 -16.61 12.67 9.34
CA THR A 217 -17.22 11.35 9.38
C THR A 217 -16.89 10.61 8.09
N ALA A 218 -17.24 9.33 8.05
CA ALA A 218 -17.05 8.53 6.85
C ALA A 218 -18.21 8.80 5.89
N GLY A 219 -18.17 8.14 4.74
CA GLY A 219 -19.22 8.28 3.74
C GLY A 219 -18.70 8.93 2.47
N ASN A 220 -19.62 9.05 1.51
CA ASN A 220 -19.32 9.58 0.19
C ASN A 220 -19.63 11.07 0.14
N SER A 221 -18.89 11.78 -0.70
CA SER A 221 -19.12 13.19 -0.98
C SER A 221 -19.48 13.34 -2.45
N LYS A 222 -20.47 14.19 -2.73
CA LYS A 222 -20.88 14.46 -4.10
C LYS A 222 -20.07 15.57 -4.76
N GLU A 223 -19.09 16.14 -4.04
CA GLU A 223 -18.38 17.32 -4.52
C GLU A 223 -17.27 16.90 -5.47
N LEU A 224 -17.44 17.19 -6.75
CA LEU A 224 -16.44 16.92 -7.77
C LEU A 224 -15.87 18.25 -8.28
N VAL A 225 -14.57 18.27 -8.56
CA VAL A 225 -13.99 19.44 -9.21
C VAL A 225 -14.65 19.62 -10.57
N CYS A 226 -14.76 20.87 -11.00
CA CYS A 226 -15.39 21.17 -12.27
C CYS A 226 -14.34 21.11 -13.38
N PRO A 227 -14.44 20.15 -14.30
CA PRO A 227 -13.42 20.05 -15.36
C PRO A 227 -13.37 21.24 -16.30
N GLN A 228 -14.38 22.11 -16.27
CA GLN A 228 -14.41 23.26 -17.18
C GLN A 228 -13.61 24.44 -16.66
N LYS A 229 -13.13 24.39 -15.43
CA LYS A 229 -12.48 25.57 -14.88
C LYS A 229 -10.97 25.46 -15.05
N PRO A 230 -10.33 26.46 -15.67
CA PRO A 230 -8.89 26.36 -15.92
C PRO A 230 -8.05 26.29 -14.66
N GLU A 231 -8.51 26.89 -13.56
CA GLU A 231 -7.74 26.82 -12.32
C GLU A 231 -7.66 25.40 -11.79
N VAL A 232 -8.67 24.58 -12.06
CA VAL A 232 -8.61 23.17 -11.67
C VAL A 232 -7.43 22.49 -12.33
N TRP A 233 -7.25 22.71 -13.63
CA TRP A 233 -6.16 22.07 -14.36
C TRP A 233 -4.80 22.69 -14.03
N LYS A 234 -4.75 23.99 -13.79
CA LYS A 234 -3.53 24.59 -13.29
C LYS A 234 -3.13 23.96 -11.95
N PHE A 235 -4.10 23.76 -11.06
CA PHE A 235 -3.84 23.16 -9.76
C PHE A 235 -3.34 21.73 -9.92
N TYR A 236 -3.96 20.96 -10.80
CA TYR A 236 -3.53 19.56 -10.95
C TYR A 236 -2.17 19.47 -11.65
N ALA A 237 -1.87 20.39 -12.57
CA ALA A 237 -0.53 20.48 -13.11
C ALA A 237 0.49 20.74 -12.00
N SER A 238 0.17 21.66 -11.09
CA SER A 238 1.06 21.93 -9.96
C SER A 238 1.25 20.71 -9.08
N VAL A 239 0.15 20.02 -8.78
CA VAL A 239 0.21 18.82 -7.95
C VAL A 239 1.12 17.77 -8.61
N PHE A 240 0.90 17.52 -9.90
CA PHE A 240 1.68 16.50 -10.59
C PHE A 240 3.15 16.89 -10.70
N ASN A 241 3.45 18.18 -10.86
CA ASN A 241 4.84 18.60 -10.87
C ASN A 241 5.49 18.38 -9.52
N GLU A 242 4.78 18.67 -8.43
CA GLU A 242 5.31 18.37 -7.10
C GLU A 242 5.56 16.88 -6.94
N LEU A 243 4.65 16.04 -7.42
CA LEU A 243 4.82 14.60 -7.31
C LEU A 243 6.02 14.15 -8.13
N LYS A 244 6.22 14.74 -9.31
CA LYS A 244 7.37 14.40 -10.14
C LYS A 244 8.68 14.77 -9.42
N ASP A 245 8.68 15.91 -8.74
CA ASP A 245 9.89 16.33 -8.04
C ASP A 245 10.16 15.49 -6.79
N ILE A 246 9.11 15.03 -6.11
CA ILE A 246 9.28 14.35 -4.83
C ILE A 246 9.45 12.85 -5.00
N PHE A 247 8.58 12.22 -5.80
CA PHE A 247 8.53 10.77 -5.87
C PHE A 247 9.12 10.28 -7.19
N PRO A 248 10.33 9.70 -7.18
CA PRO A 248 10.96 9.28 -8.44
C PRO A 248 10.28 8.10 -9.12
N SER A 249 9.39 7.38 -8.42
CA SER A 249 8.73 6.23 -9.04
C SER A 249 7.93 6.64 -10.27
N GLY A 250 7.50 7.90 -10.34
CA GLY A 250 6.71 8.36 -11.46
C GLY A 250 5.33 7.75 -11.57
N ILE A 251 4.86 7.07 -10.52
CA ILE A 251 3.55 6.44 -10.52
C ILE A 251 2.61 7.29 -9.67
N VAL A 252 1.47 7.65 -10.23
CA VAL A 252 0.46 8.44 -9.54
C VAL A 252 -0.84 7.65 -9.51
N HIS A 253 -1.30 7.33 -8.31
CA HIS A 253 -2.60 6.68 -8.13
C HIS A 253 -3.66 7.77 -8.07
N LEU A 254 -4.61 7.72 -9.01
CA LEU A 254 -5.64 8.73 -9.11
C LEU A 254 -6.93 8.35 -8.41
N GLY A 255 -6.94 7.22 -7.70
CA GLY A 255 -8.18 6.69 -7.14
C GLY A 255 -9.00 6.02 -8.22
N GLY A 256 -9.98 6.73 -8.76
CA GLY A 256 -10.73 6.25 -9.91
C GLY A 256 -11.96 5.43 -9.59
N ASP A 257 -12.30 5.26 -8.31
CA ASP A 257 -13.53 4.57 -7.97
C ASP A 257 -14.74 5.40 -8.42
N GLU A 258 -15.85 4.70 -8.67
CA GLU A 258 -17.02 5.33 -9.26
C GLU A 258 -17.49 6.50 -8.40
N ALA A 259 -17.55 7.68 -9.00
CA ALA A 259 -17.95 8.89 -8.29
C ALA A 259 -19.37 9.28 -8.65
N PRO A 260 -20.14 9.79 -7.68
CA PRO A 260 -21.48 10.29 -7.98
C PRO A 260 -21.39 11.58 -8.79
N THR A 261 -22.07 11.61 -9.94
CA THR A 261 -21.92 12.68 -10.92
C THR A 261 -23.12 13.61 -10.95
N GLU A 262 -23.94 13.62 -9.90
CA GLU A 262 -25.15 14.45 -9.88
C GLU A 262 -24.82 15.93 -10.10
N LEU A 263 -23.75 16.41 -9.45
CA LEU A 263 -23.42 17.83 -9.55
C LEU A 263 -22.88 18.18 -10.93
N TRP A 264 -22.12 17.27 -11.56
CA TRP A 264 -21.73 17.47 -12.95
C TRP A 264 -22.97 17.58 -13.83
N GLU A 265 -23.98 16.75 -13.59
CA GLU A 265 -25.22 16.83 -14.36
C GLU A 265 -25.88 18.19 -14.19
N LYS A 266 -25.89 18.71 -12.96
CA LYS A 266 -26.55 19.99 -12.70
C LYS A 266 -25.70 21.20 -13.10
N CYS A 267 -24.41 21.03 -13.31
CA CYS A 267 -23.51 22.17 -13.52
C CYS A 267 -23.74 22.81 -14.89
N PRO A 268 -24.03 24.12 -14.96
CA PRO A 268 -24.28 24.74 -16.27
C PRO A 268 -23.06 24.71 -17.19
N LEU A 269 -21.87 24.91 -16.61
CA LEU A 269 -20.63 24.78 -17.38
C LEU A 269 -20.50 23.38 -17.96
N CYS A 270 -20.61 22.36 -17.11
CA CYS A 270 -20.48 20.98 -17.59
C CYS A 270 -21.63 20.60 -18.52
N ARG A 271 -22.84 21.13 -18.30
CA ARG A 271 -23.94 20.87 -19.21
C ARG A 271 -23.60 21.35 -20.62
N GLU A 272 -23.20 22.62 -20.76
CA GLU A 272 -22.90 23.11 -22.09
C GLU A 272 -21.63 22.46 -22.65
N ALA A 273 -20.71 22.02 -21.78
CA ALA A 273 -19.52 21.36 -22.27
C ALA A 273 -19.84 19.98 -22.83
N ARG A 274 -20.76 19.26 -22.19
CA ARG A 274 -21.21 17.98 -22.73
C ARG A 274 -21.98 18.17 -24.03
N THR A 275 -22.84 19.19 -24.09
CA THR A 275 -23.54 19.46 -25.34
C THR A 275 -22.58 19.82 -26.45
N ARG A 276 -21.59 20.65 -26.14
CA ARG A 276 -20.63 21.14 -27.14
C ARG A 276 -19.76 20.01 -27.68
N ALA A 277 -19.46 19.01 -26.85
CA ALA A 277 -18.64 17.86 -27.26
C ALA A 277 -19.47 16.65 -27.61
N ALA A 278 -20.80 16.79 -27.69
CA ALA A 278 -21.71 15.69 -28.00
C ALA A 278 -21.50 14.51 -27.06
N MET A 279 -21.45 14.81 -25.76
CA MET A 279 -21.36 13.78 -24.73
C MET A 279 -22.76 13.38 -24.31
N LYS A 280 -23.01 12.07 -24.25
CA LYS A 280 -24.34 11.56 -23.97
C LYS A 280 -24.73 11.78 -22.52
N ASP A 281 -23.80 11.53 -21.60
CA ASP A 281 -24.09 11.62 -20.16
C ASP A 281 -22.80 11.96 -19.44
N GLU A 282 -22.78 11.77 -18.12
CA GLU A 282 -21.64 12.15 -17.31
C GLU A 282 -20.54 11.09 -17.28
N GLN A 283 -20.82 9.87 -17.75
CA GLN A 283 -19.77 8.87 -17.82
C GLN A 283 -18.81 9.16 -18.98
N GLU A 284 -19.34 9.68 -20.09
CA GLU A 284 -18.46 10.15 -21.15
C GLU A 284 -17.63 11.33 -20.68
N GLN A 285 -18.22 12.20 -19.84
CA GLN A 285 -17.46 13.30 -19.26
C GLN A 285 -16.37 12.78 -18.33
N MET A 286 -16.65 11.74 -17.55
CA MET A 286 -15.63 11.14 -16.69
C MET A 286 -14.51 10.54 -17.52
N LYS A 287 -14.86 9.86 -18.62
CA LYS A 287 -13.84 9.35 -19.53
C LYS A 287 -12.95 10.46 -20.07
N ALA A 288 -13.57 11.57 -20.48
CA ALA A 288 -12.78 12.69 -21.00
C ALA A 288 -11.89 13.28 -19.92
N PHE A 289 -12.41 13.38 -18.69
CA PHE A 289 -11.62 13.90 -17.58
C PHE A 289 -10.38 13.05 -17.36
N PHE A 290 -10.56 11.74 -17.28
CA PHE A 290 -9.41 10.87 -17.02
C PHE A 290 -8.47 10.82 -18.22
N ALA A 291 -8.99 10.95 -19.44
CA ALA A 291 -8.11 11.06 -20.60
C ALA A 291 -7.22 12.30 -20.50
N LYS A 292 -7.81 13.43 -20.08
CA LYS A 292 -7.03 14.65 -19.93
C LYS A 292 -5.98 14.52 -18.83
N THR A 293 -6.36 13.92 -17.70
CA THR A 293 -5.40 13.73 -16.62
CA THR A 293 -5.41 13.72 -16.62
C THR A 293 -4.27 12.80 -17.04
N ALA A 294 -4.60 11.74 -17.79
CA ALA A 294 -3.57 10.81 -18.26
C ALA A 294 -2.63 11.48 -19.25
N ALA A 295 -3.17 12.33 -20.14
CA ALA A 295 -2.31 13.09 -21.04
C ALA A 295 -1.36 13.99 -20.26
N LEU A 296 -1.86 14.64 -19.21
CA LEU A 296 -1.01 15.47 -18.37
C LEU A 296 0.11 14.65 -17.72
N LEU A 297 -0.27 13.55 -17.08
CA LEU A 297 0.73 12.68 -16.45
C LEU A 297 1.77 12.21 -17.46
N ALA A 298 1.34 11.80 -18.66
CA ALA A 298 2.27 11.30 -19.66
C ALA A 298 3.22 12.40 -20.13
N LYS A 299 2.70 13.63 -20.30
CA LYS A 299 3.58 14.74 -20.62
C LYS A 299 4.59 14.99 -19.51
N ASN A 300 4.23 14.66 -18.26
CA ASN A 300 5.19 14.77 -17.18
C ASN A 300 6.10 13.54 -17.06
N GLY A 301 5.89 12.51 -17.88
CA GLY A 301 6.63 11.28 -17.70
C GLY A 301 6.12 10.41 -16.58
N GLN A 302 4.87 10.57 -16.19
CA GLN A 302 4.27 9.82 -15.10
C GLN A 302 3.21 8.85 -15.64
N THR A 303 2.85 7.88 -14.81
CA THR A 303 1.91 6.85 -15.23
C THR A 303 0.80 6.71 -14.17
N PRO A 304 -0.44 6.54 -14.60
CA PRO A 304 -1.55 6.46 -13.65
C PRO A 304 -1.87 5.04 -13.19
N GLN A 305 -2.41 4.97 -11.98
CA GLN A 305 -2.94 3.73 -11.43
C GLN A 305 -4.35 3.99 -10.94
N PHE A 306 -5.17 2.93 -10.94
CA PHE A 306 -6.58 3.12 -10.59
C PHE A 306 -7.08 2.01 -9.68
N TRP A 307 -8.07 2.34 -8.85
CA TRP A 307 -8.94 1.32 -8.28
C TRP A 307 -9.85 0.81 -9.38
N TYR A 308 -9.84 -0.49 -9.63
CA TYR A 308 -10.49 -1.03 -10.82
C TYR A 308 -12.00 -0.86 -10.74
N GLU A 309 -12.58 -0.40 -11.85
CA GLU A 309 -14.03 -0.42 -12.06
C GLU A 309 -14.28 -1.14 -13.38
N GLY A 310 -15.04 -2.24 -13.33
CA GLY A 310 -15.17 -3.10 -14.50
C GLY A 310 -15.70 -2.37 -15.72
N ASN A 311 -16.82 -1.68 -15.57
CA ASN A 311 -17.44 -1.00 -16.70
C ASN A 311 -17.22 0.50 -16.63
N ALA A 312 -15.96 0.91 -16.45
CA ALA A 312 -15.61 2.34 -16.42
C ALA A 312 -15.21 2.85 -17.79
N GLY A 313 -14.40 2.10 -18.53
CA GLY A 313 -13.97 2.51 -19.85
C GLY A 313 -12.95 3.62 -19.89
N ILE A 314 -12.30 3.92 -18.76
CA ILE A 314 -11.35 5.02 -18.70
C ILE A 314 -9.90 4.54 -18.81
N TYR A 315 -9.70 3.25 -19.05
CA TYR A 315 -8.38 2.65 -19.00
C TYR A 315 -7.79 2.49 -20.40
N HIS A 316 -6.46 2.48 -20.46
CA HIS A 316 -5.70 2.24 -21.67
C HIS A 316 -4.78 1.03 -21.47
N PRO A 317 -4.59 0.22 -22.51
CA PRO A 317 -3.76 -0.98 -22.37
C PRO A 317 -2.38 -0.64 -21.83
N GLY A 318 -1.91 -1.47 -20.89
CA GLY A 318 -0.66 -1.25 -20.20
C GLY A 318 -0.79 -0.61 -18.83
N GLU A 319 -1.88 0.13 -18.59
CA GLU A 319 -2.08 0.76 -17.30
C GLU A 319 -2.36 -0.28 -16.22
N THR A 320 -2.31 0.15 -14.96
CA THR A 320 -2.40 -0.76 -13.82
C THR A 320 -3.62 -0.42 -12.96
N VAL A 321 -4.38 -1.45 -12.63
CA VAL A 321 -5.56 -1.32 -11.79
C VAL A 321 -5.43 -2.27 -10.60
N TYR A 322 -6.15 -1.94 -9.54
CA TYR A 322 -6.17 -2.72 -8.32
C TYR A 322 -7.52 -3.43 -8.20
N ALA A 323 -7.48 -4.75 -8.00
CA ALA A 323 -8.69 -5.48 -7.63
C ALA A 323 -8.94 -5.29 -6.15
N TRP A 324 -10.14 -4.82 -5.80
CA TRP A 324 -10.42 -4.46 -4.41
C TRP A 324 -11.79 -4.88 -3.91
N ARG A 325 -12.79 -5.06 -4.77
CA ARG A 325 -14.14 -5.37 -4.30
C ARG A 325 -14.27 -6.83 -3.86
N GLN A 326 -15.11 -7.04 -2.86
CA GLN A 326 -15.34 -8.38 -2.34
C GLN A 326 -15.85 -9.32 -3.43
N GLY A 327 -15.16 -10.44 -3.60
CA GLY A 327 -15.59 -11.47 -4.52
C GLY A 327 -15.47 -11.14 -5.99
N GLN A 328 -14.71 -10.13 -6.36
CA GLN A 328 -14.52 -9.76 -7.76
C GLN A 328 -13.12 -10.07 -8.26
N ALA A 329 -12.34 -10.86 -7.52
CA ALA A 329 -10.91 -11.00 -7.81
C ALA A 329 -10.69 -11.77 -9.11
N LEU A 330 -11.28 -12.95 -9.24
CA LEU A 330 -11.10 -13.75 -10.44
C LEU A 330 -11.68 -13.04 -11.67
N GLN A 331 -12.86 -12.42 -11.50
CA GLN A 331 -13.45 -11.66 -12.60
C GLN A 331 -12.55 -10.52 -13.02
N SER A 332 -11.94 -9.82 -12.05
CA SER A 332 -11.02 -8.75 -12.40
C SER A 332 -9.78 -9.28 -13.11
N ILE A 333 -9.27 -10.44 -12.66
CA ILE A 333 -8.13 -11.06 -13.33
C ILE A 333 -8.46 -11.29 -14.81
N GLU A 334 -9.58 -11.95 -15.07
CA GLU A 334 -9.91 -12.31 -16.44
C GLU A 334 -10.26 -11.07 -17.28
N LYS A 335 -10.94 -10.09 -16.69
CA LYS A 335 -11.28 -8.88 -17.43
C LYS A 335 -10.03 -8.08 -17.79
N THR A 336 -9.07 -7.96 -16.85
CA THR A 336 -7.85 -7.23 -17.15
C THR A 336 -7.02 -7.97 -18.19
N LYS A 337 -7.01 -9.31 -18.14
CA LYS A 337 -6.30 -10.06 -19.18
C LYS A 337 -6.93 -9.82 -20.54
N LYS A 338 -8.26 -9.76 -20.60
CA LYS A 338 -8.92 -9.45 -21.88
C LYS A 338 -8.58 -8.03 -22.34
N ALA A 339 -8.63 -7.05 -21.44
CA ALA A 339 -8.44 -5.66 -21.79
C ALA A 339 -6.98 -5.23 -21.83
N GLY A 340 -6.04 -6.15 -21.64
CA GLY A 340 -4.64 -5.79 -21.72
C GLY A 340 -4.16 -4.89 -20.59
N LEU A 341 -4.78 -4.98 -19.43
CA LEU A 341 -4.39 -4.22 -18.25
C LEU A 341 -3.54 -5.09 -17.33
N ASN A 342 -2.74 -4.42 -16.50
CA ASN A 342 -2.02 -5.07 -15.42
C ASN A 342 -2.81 -4.93 -14.12
N LEU A 343 -2.69 -5.94 -13.26
CA LEU A 343 -3.54 -6.04 -12.08
C LEU A 343 -2.69 -6.22 -10.83
N ILE A 344 -3.06 -5.50 -9.79
CA ILE A 344 -2.52 -5.67 -8.45
C ILE A 344 -3.65 -6.16 -7.56
N MET A 345 -3.41 -7.25 -6.83
CA MET A 345 -4.44 -7.88 -6.02
CA MET A 345 -4.43 -7.88 -6.01
C MET A 345 -4.49 -7.20 -4.66
N ALA A 346 -5.59 -6.50 -4.39
CA ALA A 346 -5.84 -5.83 -3.11
C ALA A 346 -7.24 -6.13 -2.61
N SER A 347 -7.75 -7.33 -2.94
CA SER A 347 -9.14 -7.66 -2.68
C SER A 347 -9.46 -7.53 -1.20
N SER A 348 -10.56 -6.82 -0.90
CA SER A 348 -10.93 -6.56 0.48
C SER A 348 -11.26 -7.83 1.26
N GLU A 349 -11.56 -8.92 0.55
CA GLU A 349 -11.83 -10.19 1.22
C GLU A 349 -10.60 -10.72 1.96
N TYR A 350 -9.40 -10.38 1.47
CA TYR A 350 -8.16 -10.87 2.06
C TYR A 350 -7.19 -9.77 2.47
N CYS A 351 -7.27 -8.57 1.89
CA CYS A 351 -6.19 -7.60 1.97
C CYS A 351 -6.52 -6.32 2.73
N TYR A 352 -7.78 -6.08 3.09
CA TYR A 352 -8.12 -4.88 3.84
C TYR A 352 -7.78 -5.11 5.31
N LEU A 353 -6.72 -4.45 5.78
CA LEU A 353 -6.23 -4.64 7.13
C LEU A 353 -6.84 -3.67 8.13
N ASP A 354 -7.80 -2.84 7.71
CA ASP A 354 -8.58 -2.07 8.66
C ASP A 354 -9.65 -2.90 9.34
N PHE A 355 -10.03 -4.03 8.75
CA PHE A 355 -11.05 -4.88 9.35
C PHE A 355 -10.49 -5.58 10.59
N PRO A 356 -11.34 -5.87 11.57
CA PRO A 356 -10.86 -6.58 12.76
C PRO A 356 -10.32 -7.96 12.40
N GLN A 357 -9.25 -8.35 13.08
CA GLN A 357 -8.61 -9.63 12.81
C GLN A 357 -9.15 -10.76 13.69
N ILE A 358 -9.90 -10.43 14.74
CA ILE A 358 -10.51 -11.43 15.61
C ILE A 358 -11.98 -11.07 15.79
N GLN A 359 -12.87 -12.05 15.62
CA GLN A 359 -14.30 -11.82 15.78
C GLN A 359 -14.60 -11.25 17.15
N GLY A 360 -15.39 -10.18 17.18
CA GLY A 360 -15.71 -9.48 18.40
C GLY A 360 -14.97 -8.17 18.59
N GLN A 361 -13.87 -7.97 17.87
CA GLN A 361 -13.16 -6.71 17.95
C GLN A 361 -13.92 -5.64 17.17
N ARG A 362 -13.65 -4.38 17.51
CA ARG A 362 -14.41 -3.25 16.99
C ARG A 362 -14.57 -3.32 15.48
N ASN A 363 -15.82 -3.40 15.02
CA ASN A 363 -16.11 -3.39 13.60
C ASN A 363 -16.83 -2.13 13.16
N TRP A 364 -17.22 -1.26 14.10
CA TRP A 364 -17.81 0.05 13.81
C TRP A 364 -19.12 -0.07 13.03
N GLY A 365 -19.78 -1.21 13.11
CA GLY A 365 -21.11 -1.38 12.56
C GLY A 365 -21.18 -1.85 11.12
N TRP A 366 -20.07 -2.28 10.52
CA TRP A 366 -20.11 -2.69 9.12
C TRP A 366 -18.96 -3.60 8.72
N MET A 367 -17.84 -3.53 9.44
CA MET A 367 -16.65 -4.27 9.04
C MET A 367 -16.82 -5.77 9.30
N LYS A 368 -16.53 -6.57 8.29
CA LYS A 368 -16.45 -8.01 8.49
C LYS A 368 -15.09 -8.38 9.08
N THR A 369 -14.99 -9.61 9.57
CA THR A 369 -13.78 -10.09 10.22
C THR A 369 -12.88 -10.79 9.21
N THR A 370 -11.61 -10.42 9.19
CA THR A 370 -10.60 -11.06 8.35
C THR A 370 -9.52 -11.61 9.27
N THR A 371 -9.58 -12.91 9.56
CA THR A 371 -8.60 -13.51 10.46
C THR A 371 -7.26 -13.68 9.75
N LEU A 372 -6.26 -14.08 10.53
CA LEU A 372 -4.94 -14.33 9.97
C LEU A 372 -4.95 -15.52 9.03
N GLN A 373 -5.67 -16.59 9.39
CA GLN A 373 -5.75 -17.76 8.52
C GLN A 373 -6.48 -17.42 7.23
N LYS A 374 -7.60 -16.70 7.34
CA LYS A 374 -8.30 -16.21 6.16
C LYS A 374 -7.35 -15.42 5.27
N CYS A 375 -6.56 -14.53 5.86
CA CYS A 375 -5.60 -13.75 5.09
CA CYS A 375 -5.59 -13.76 5.10
C CYS A 375 -4.60 -14.66 4.37
N TYR A 376 -4.06 -15.65 5.08
CA TYR A 376 -3.07 -16.55 4.47
C TYR A 376 -3.69 -17.40 3.37
N ASP A 377 -5.00 -17.58 3.36
CA ASP A 377 -5.64 -18.31 2.26
C ASP A 377 -5.42 -17.66 0.91
N LEU A 378 -4.82 -16.47 0.86
CA LEU A 378 -4.77 -15.67 -0.36
C LEU A 378 -3.74 -16.23 -1.35
N ASP A 379 -4.22 -16.62 -2.53
CA ASP A 379 -3.37 -16.87 -3.67
C ASP A 379 -3.63 -15.75 -4.67
N PRO A 380 -2.68 -14.85 -4.93
CA PRO A 380 -2.97 -13.69 -5.79
C PRO A 380 -3.47 -14.08 -7.17
N ALA A 381 -3.02 -15.20 -7.71
CA ALA A 381 -3.46 -15.68 -9.02
C ALA A 381 -4.73 -16.50 -8.96
N PHE A 382 -5.20 -16.86 -7.76
CA PHE A 382 -6.44 -17.61 -7.57
C PHE A 382 -6.45 -18.89 -8.41
N GLY A 383 -5.40 -19.69 -8.24
CA GLY A 383 -5.29 -20.98 -8.89
C GLY A 383 -4.64 -20.94 -10.26
N LYS A 384 -4.56 -19.77 -10.91
CA LYS A 384 -4.03 -19.70 -12.25
C LYS A 384 -2.50 -19.74 -12.24
N PRO A 385 -1.89 -20.36 -13.25
CA PRO A 385 -0.43 -20.37 -13.33
C PRO A 385 0.10 -19.07 -13.91
N GLU A 386 1.40 -18.84 -13.71
CA GLU A 386 2.03 -17.60 -14.15
C GLU A 386 1.90 -17.43 -15.67
N LYS A 387 1.99 -18.54 -16.41
CA LYS A 387 1.85 -18.46 -17.86
C LYS A 387 0.46 -18.03 -18.29
N GLU A 388 -0.54 -18.16 -17.42
CA GLU A 388 -1.90 -17.78 -17.72
C GLU A 388 -2.31 -16.44 -17.09
N ALA A 389 -1.70 -16.06 -15.98
CA ALA A 389 -2.01 -14.84 -15.26
C ALA A 389 -0.79 -13.95 -15.12
N GLY A 390 0.05 -13.89 -16.16
CA GLY A 390 1.29 -13.14 -16.11
C GLY A 390 1.12 -11.64 -15.96
N HIS A 391 -0.10 -11.12 -16.16
CA HIS A 391 -0.36 -9.70 -16.02
C HIS A 391 -0.62 -9.29 -14.58
N ILE A 392 -0.60 -10.22 -13.64
CA ILE A 392 -0.73 -9.90 -12.22
C ILE A 392 0.63 -9.48 -11.69
N ARG A 393 0.74 -8.22 -11.26
CA ARG A 393 2.02 -7.69 -10.80
C ARG A 393 2.31 -8.02 -9.33
N GLY A 394 1.29 -8.34 -8.55
CA GLY A 394 1.57 -8.71 -7.18
C GLY A 394 0.39 -8.40 -6.27
N VAL A 395 0.72 -8.16 -5.00
CA VAL A 395 -0.27 -8.05 -3.94
C VAL A 395 -0.08 -6.73 -3.20
N HIS A 396 -1.16 -6.25 -2.59
CA HIS A 396 -1.22 -4.90 -2.03
C HIS A 396 -2.25 -4.91 -0.89
N ALA A 397 -1.82 -4.53 0.31
CA ALA A 397 -2.71 -4.55 1.46
C ALA A 397 -2.96 -3.13 1.95
N PRO A 398 -4.18 -2.61 1.84
CA PRO A 398 -4.47 -1.27 2.36
C PRO A 398 -4.85 -1.29 3.84
N VAL A 399 -4.30 -0.34 4.59
CA VAL A 399 -4.65 -0.18 5.99
C VAL A 399 -5.42 1.12 6.17
N TRP A 400 -6.68 1.14 5.75
CA TRP A 400 -7.51 2.34 5.85
C TRP A 400 -7.61 2.80 7.31
N ALA A 401 -7.54 4.11 7.52
CA ALA A 401 -7.30 4.66 8.84
C ALA A 401 -8.42 5.59 9.31
N GLU A 402 -9.67 5.30 8.93
CA GLU A 402 -10.78 6.03 9.53
C GLU A 402 -10.80 5.84 11.04
N ARG A 403 -10.51 4.62 11.52
CA ARG A 403 -10.57 4.27 12.93
C ARG A 403 -9.21 3.84 13.47
N LEU A 404 -8.13 4.38 12.92
CA LEU A 404 -6.76 4.08 13.37
C LEU A 404 -6.06 5.40 13.62
N PRO A 405 -6.19 5.96 14.84
CA PRO A 405 -5.72 7.34 15.07
C PRO A 405 -4.23 7.48 15.31
N ASP A 406 -3.50 6.41 15.61
CA ASP A 406 -2.07 6.52 15.86
C ASP A 406 -1.37 5.25 15.39
N LEU A 407 -0.04 5.26 15.50
CA LEU A 407 0.76 4.14 15.03
C LEU A 407 0.48 2.87 15.82
N ASN A 408 0.14 3.00 17.10
CA ASN A 408 -0.15 1.82 17.91
C ASN A 408 -1.31 1.02 17.33
N HIS A 409 -2.46 1.69 17.12
CA HIS A 409 -3.61 1.04 16.49
C HIS A 409 -3.28 0.57 15.09
N LEU A 410 -2.56 1.39 14.32
CA LEU A 410 -2.20 1.04 12.96
C LEU A 410 -1.45 -0.29 12.91
N LEU A 411 -0.41 -0.43 13.74
CA LEU A 411 0.36 -1.66 13.77
C LEU A 411 -0.43 -2.82 14.35
N TYR A 412 -1.30 -2.56 15.33
CA TYR A 412 -2.11 -3.65 15.86
C TYR A 412 -2.98 -4.27 14.77
N ARG A 413 -3.59 -3.43 13.92
CA ARG A 413 -4.43 -3.97 12.86
C ARG A 413 -3.62 -4.48 11.68
N ALA A 414 -2.48 -3.87 11.38
CA ALA A 414 -1.69 -4.26 10.21
C ALA A 414 -0.94 -5.57 10.44
N TYR A 415 -0.49 -5.84 11.66
CA TYR A 415 0.26 -7.05 11.93
C TYR A 415 -0.52 -7.96 12.87
N PRO A 416 -0.38 -9.29 12.74
CA PRO A 416 0.56 -9.98 11.84
C PRO A 416 0.01 -10.34 10.45
N ARG A 417 -1.14 -9.81 10.03
CA ARG A 417 -1.69 -10.18 8.73
C ARG A 417 -0.80 -9.69 7.59
N ALA A 418 -0.06 -8.61 7.81
CA ALA A 418 0.89 -8.15 6.80
C ALA A 418 1.97 -9.20 6.53
N CYS A 419 2.30 -10.01 7.53
CA CYS A 419 3.24 -11.11 7.29
C CYS A 419 2.66 -12.13 6.31
N ALA A 420 1.37 -12.43 6.47
CA ALA A 420 0.70 -13.32 5.52
C ALA A 420 0.67 -12.72 4.12
N ILE A 421 0.38 -11.42 4.03
CA ILE A 421 0.40 -10.74 2.74
C ILE A 421 1.78 -10.82 2.10
N ALA A 422 2.83 -10.62 2.91
CA ALA A 422 4.19 -10.69 2.40
C ALA A 422 4.51 -12.07 1.86
N GLU A 423 4.10 -13.12 2.59
CA GLU A 423 4.36 -14.47 2.12
C GLU A 423 3.55 -14.79 0.87
N ALA A 424 2.33 -14.26 0.77
CA ALA A 424 1.54 -14.46 -0.44
C ALA A 424 2.18 -13.75 -1.63
N GLY A 425 2.80 -12.60 -1.40
CA GLY A 425 3.43 -11.87 -2.48
C GLY A 425 4.77 -12.43 -2.91
N TRP A 426 5.49 -13.05 -1.99
CA TRP A 426 6.86 -13.49 -2.23
C TRP A 426 6.98 -14.99 -2.51
N SER A 427 6.36 -15.83 -1.68
CA SER A 427 6.65 -17.25 -1.69
C SER A 427 5.83 -17.96 -2.78
N PRO A 428 6.44 -18.85 -3.55
CA PRO A 428 5.65 -19.70 -4.44
C PRO A 428 4.74 -20.61 -3.64
N MET A 429 3.67 -21.08 -4.30
CA MET A 429 2.68 -21.90 -3.61
C MET A 429 3.27 -23.22 -3.12
N GLY A 430 4.31 -23.72 -3.78
CA GLY A 430 4.90 -24.99 -3.41
C GLY A 430 5.53 -25.01 -2.03
N VAL A 431 5.90 -23.86 -1.50
CA VAL A 431 6.54 -23.77 -0.19
C VAL A 431 5.62 -23.14 0.85
N ARG A 432 4.37 -22.87 0.48
CA ARG A 432 3.42 -22.24 1.39
C ARG A 432 2.52 -23.28 2.04
N SER A 433 2.30 -23.12 3.34
CA SER A 433 1.37 -23.95 4.09
C SER A 433 1.01 -23.21 5.36
N TRP A 434 -0.24 -23.35 5.79
CA TRP A 434 -0.70 -22.63 6.98
C TRP A 434 0.04 -23.08 8.23
N GLU A 435 0.39 -24.37 8.32
CA GLU A 435 1.06 -24.89 9.50
C GLU A 435 2.46 -24.31 9.64
N ASN A 436 3.24 -24.37 8.57
CA ASN A 436 4.59 -23.80 8.59
C ASN A 436 4.56 -22.32 8.92
N PHE A 437 3.65 -21.58 8.26
CA PHE A 437 3.54 -20.15 8.51
C PHE A 437 3.16 -19.85 9.95
N ARG A 438 2.26 -20.65 10.53
CA ARG A 438 1.85 -20.44 11.92
C ARG A 438 3.02 -20.67 12.88
N ARG A 439 3.78 -21.75 12.66
CA ARG A 439 4.98 -21.98 13.46
C ARG A 439 5.95 -20.80 13.35
N LYS A 440 6.21 -20.36 12.12
CA LYS A 440 7.16 -19.27 11.92
C LYS A 440 6.69 -18.00 12.58
N LEU A 441 5.39 -17.72 12.54
CA LEU A 441 4.87 -16.51 13.17
C LEU A 441 4.96 -16.60 14.70
N ALA A 442 4.77 -17.79 15.25
CA ALA A 442 4.99 -17.99 16.67
C ALA A 442 6.42 -17.60 17.05
N ASP A 443 7.41 -17.98 16.22
CA ASP A 443 8.77 -17.51 16.48
C ASP A 443 8.93 -16.01 16.24
N HIS A 444 8.21 -15.48 15.24
CA HIS A 444 8.37 -14.08 14.89
C HIS A 444 7.81 -13.15 15.96
N ARG A 445 6.93 -13.65 16.83
CA ARG A 445 6.57 -12.84 17.99
C ARG A 445 7.82 -12.36 18.73
N GLN A 446 8.69 -13.30 19.08
CA GLN A 446 9.92 -12.94 19.78
C GLN A 446 10.88 -12.19 18.86
N PHE A 447 10.92 -12.56 17.57
CA PHE A 447 11.79 -11.84 16.64
C PHE A 447 11.46 -10.34 16.63
N ILE A 448 10.18 -10.00 16.49
CA ILE A 448 9.75 -8.61 16.43
C ILE A 448 9.94 -7.95 17.79
N LEU A 449 9.66 -8.68 18.87
CA LEU A 449 9.89 -8.11 20.20
C LEU A 449 11.34 -7.69 20.39
N LYS A 450 12.27 -8.50 19.88
CA LYS A 450 13.69 -8.20 20.04
C LYS A 450 14.15 -7.09 19.10
N ARG A 451 13.71 -7.11 17.84
CA ARG A 451 14.30 -6.20 16.87
C ARG A 451 13.61 -4.83 16.86
N PHE A 452 12.29 -4.80 16.98
CA PHE A 452 11.55 -3.54 16.88
C PHE A 452 10.90 -3.11 18.19
N ASN A 453 11.05 -3.90 19.26
CA ASN A 453 10.44 -3.59 20.55
C ASN A 453 8.93 -3.39 20.42
N TYR A 454 8.30 -4.24 19.60
CA TYR A 454 6.87 -4.17 19.36
C TYR A 454 6.24 -5.52 19.65
N ASP A 455 5.03 -5.49 20.23
CA ASP A 455 4.32 -6.70 20.65
C ASP A 455 3.31 -7.10 19.58
N MET A 456 3.52 -8.25 18.97
CA MET A 456 2.64 -8.77 17.93
C MET A 456 1.57 -9.72 18.45
N GLU A 457 1.48 -9.93 19.77
CA GLU A 457 0.50 -10.86 20.30
C GLU A 457 -0.91 -10.34 20.07
N ARG A 458 -1.80 -11.21 19.60
CA ARG A 458 -3.17 -10.84 19.25
C ARG A 458 -4.15 -11.73 20.01
N THR A 459 -4.84 -11.15 20.98
CA THR A 459 -5.97 -11.79 21.64
C THR A 459 -7.22 -10.95 21.36
N GLN A 460 -8.38 -11.51 21.72
CA GLN A 460 -9.63 -10.84 21.44
C GLN A 460 -9.77 -9.53 22.20
N GLY A 461 -9.14 -9.43 23.37
CA GLY A 461 -9.34 -8.26 24.21
C GLY A 461 -8.16 -7.34 24.39
N ASN A 462 -7.02 -7.62 23.74
CA ASN A 462 -5.82 -6.82 23.94
C ASN A 462 -5.63 -5.76 22.86
N GLU A 463 -6.65 -5.46 22.07
CA GLU A 463 -6.55 -4.34 21.15
C GLU A 463 -6.54 -3.04 21.94
N PRO A 464 -5.69 -2.08 21.59
CA PRO A 464 -5.67 -0.80 22.30
C PRO A 464 -7.04 -0.15 22.31
N ALA A 465 -7.31 0.60 23.37
CA ALA A 465 -8.63 1.20 23.54
C ALA A 465 -8.84 2.34 22.55
N PHE A 466 -10.10 2.53 22.17
CA PHE A 466 -10.52 3.63 21.32
C PHE A 466 -11.25 4.66 22.16
N ARG A 467 -11.43 5.85 21.58
CA ARG A 467 -12.15 6.93 22.23
C ARG A 467 -13.56 7.11 21.66
N TRP A 468 -13.96 6.31 20.70
CA TRP A 468 -15.25 6.45 20.03
C TRP A 468 -16.23 5.37 20.50
N GLU A 469 -17.50 5.58 20.17
CA GLU A 469 -18.56 4.63 20.49
C GLU A 469 -19.52 4.46 19.31
#